data_7VO7
#
_entry.id   7VO7
#
_cell.length_a   54.009
_cell.length_b   54.009
_cell.length_c   179.817
_cell.angle_alpha   90.00
_cell.angle_beta   90.00
_cell.angle_gamma   90.00
#
_symmetry.space_group_name_H-M   'P 41'
#
loop_
_entity.id
_entity.type
_entity.pdbx_description
1 polymer 'Cationic trypsin'
2 polymer 'Bowman-Birk type proteinase inhibitor'
3 non-polymer GLYCEROL
4 non-polymer 'CALCIUM ION'
5 non-polymer 'CHLORIDE ION'
6 non-polymer 'SODIUM ION'
7 water water
#
loop_
_entity_poly.entity_id
_entity_poly.type
_entity_poly.pdbx_seq_one_letter_code
_entity_poly.pdbx_strand_id
1 'polypeptide(L)'
;IVGGYTCGANTVPYQVSLNSGYHFCGGSLINSQWVVSAAHCYKSGIQVRLGEDNINVVEGNEQFISASKSIVHPSYNSNT
LNNDIMLIKLKSAASLNSRVASISLPTSCASAGTQCLISGWGNTKSSGTSYPDVLKCLKAPILSDSSCKSAYPGQITSNM
FCAGYLEGGKDSCQGDSGGPVVCSGKLQGIVSWGSGCAQKNKPGVYTKVCNYVSWIKQTIASN
;
A,B
2 'polypeptide(L)' PCCDHCSCTKSIPPQCRCTDLRLDSCHSACKSCICTLSIPAQCVCDDIDDFCYEPC C
#
# COMPACT_ATOMS: atom_id res chain seq x y z
N ILE A 1 -22.48 13.81 -1.31
CA ILE A 1 -21.96 15.04 -0.72
C ILE A 1 -22.64 15.32 0.62
N VAL A 2 -21.85 15.37 1.68
CA VAL A 2 -22.34 15.60 3.03
C VAL A 2 -22.07 17.05 3.40
N GLY A 3 -23.08 17.71 3.96
CA GLY A 3 -22.93 19.09 4.42
C GLY A 3 -22.71 20.11 3.32
N GLY A 4 -23.13 19.81 2.10
CA GLY A 4 -22.98 20.70 0.98
C GLY A 4 -24.24 21.48 0.68
N TYR A 5 -24.41 21.86 -0.59
CA TYR A 5 -25.56 22.64 -1.01
C TYR A 5 -25.98 22.19 -2.41
N THR A 6 -27.23 22.48 -2.74
CA THR A 6 -27.75 22.20 -4.07
C THR A 6 -27.04 23.09 -5.08
N CYS A 7 -26.38 22.48 -6.08
CA CYS A 7 -25.63 23.24 -7.05
C CYS A 7 -26.52 24.20 -7.82
N GLY A 8 -27.71 23.75 -8.20
CA GLY A 8 -28.50 24.41 -9.22
C GLY A 8 -28.42 23.65 -10.53
N ALA A 9 -29.51 23.69 -11.28
CA ALA A 9 -29.63 22.89 -12.49
C ALA A 9 -28.55 23.25 -13.50
N ASN A 10 -27.69 22.28 -13.81
CA ASN A 10 -26.68 22.37 -14.87
C ASN A 10 -25.61 23.41 -14.59
N THR A 11 -25.41 23.81 -13.34
CA THR A 11 -24.33 24.73 -13.00
C THR A 11 -22.97 24.05 -12.98
N VAL A 12 -22.94 22.73 -13.03
CA VAL A 12 -21.69 21.96 -13.15
C VAL A 12 -21.77 21.19 -14.46
N PRO A 13 -21.53 21.85 -15.60
CA PRO A 13 -21.82 21.20 -16.90
C PRO A 13 -20.85 20.09 -17.27
N TYR A 14 -19.78 19.89 -16.53
CA TYR A 14 -18.85 18.79 -16.78
C TYR A 14 -19.16 17.56 -15.93
N GLN A 15 -20.05 17.68 -14.95
CA GLN A 15 -20.43 16.54 -14.13
C GLN A 15 -21.31 15.58 -14.92
N VAL A 16 -20.94 14.31 -14.92
CA VAL A 16 -21.73 13.27 -15.57
C VAL A 16 -22.10 12.22 -14.54
N SER A 17 -23.16 11.48 -14.85
CA SER A 17 -23.58 10.33 -14.05
C SER A 17 -23.30 9.06 -14.83
N LEU A 18 -22.71 8.07 -14.15
CA LEU A 18 -22.46 6.76 -14.74
C LEU A 18 -23.58 5.82 -14.31
N ASN A 19 -24.28 5.25 -15.29
CA ASN A 19 -25.48 4.47 -15.03
C ASN A 19 -25.33 3.08 -15.64
N SER A 20 -25.66 2.06 -14.86
CA SER A 20 -25.72 0.67 -15.29
C SER A 20 -27.04 0.05 -14.85
N GLY A 21 -28.13 0.79 -15.01
CA GLY A 21 -29.39 0.47 -14.40
C GLY A 21 -29.72 1.33 -13.20
N TYR A 22 -28.77 2.14 -12.74
CA TYR A 22 -28.85 3.01 -11.58
C TYR A 22 -27.55 3.81 -11.55
N HIS A 23 -27.59 4.96 -10.89
CA HIS A 23 -26.38 5.75 -10.70
C HIS A 23 -25.45 5.02 -9.73
N PHE A 24 -24.23 4.69 -10.18
CA PHE A 24 -23.25 4.03 -9.34
C PHE A 24 -21.97 4.83 -9.14
N CYS A 25 -21.68 5.79 -10.01
CA CYS A 25 -20.50 6.64 -9.87
C CYS A 25 -20.73 7.92 -10.65
N GLY A 26 -19.84 8.90 -10.42
CA GLY A 26 -19.80 10.12 -11.20
C GLY A 26 -18.61 10.12 -12.14
N GLY A 27 -18.53 11.20 -12.92
CA GLY A 27 -17.44 11.35 -13.87
C GLY A 27 -17.32 12.78 -14.32
N SER A 28 -16.26 13.05 -15.07
CA SER A 28 -15.95 14.39 -15.56
C SER A 28 -15.73 14.35 -17.06
N LEU A 29 -16.47 15.20 -17.78
CA LEU A 29 -16.31 15.31 -19.22
C LEU A 29 -15.11 16.18 -19.54
N ILE A 30 -14.14 15.61 -20.27
CA ILE A 30 -12.94 16.35 -20.64
C ILE A 30 -12.94 16.76 -22.12
N ASN A 31 -13.66 16.06 -22.97
CA ASN A 31 -13.97 16.53 -24.31
C ASN A 31 -15.26 15.86 -24.76
N SER A 32 -15.66 16.11 -26.01
CA SER A 32 -16.96 15.65 -26.49
C SER A 32 -17.08 14.13 -26.54
N GLN A 33 -15.97 13.40 -26.41
CA GLN A 33 -16.00 11.94 -26.55
C GLN A 33 -15.34 11.19 -25.39
N TRP A 34 -14.88 11.89 -24.35
CA TRP A 34 -14.13 11.22 -23.29
C TRP A 34 -14.56 11.73 -21.93
N VAL A 35 -14.70 10.80 -20.98
CA VAL A 35 -15.03 11.09 -19.59
C VAL A 35 -13.92 10.52 -18.71
N VAL A 36 -13.56 11.27 -17.67
CA VAL A 36 -12.59 10.83 -16.67
C VAL A 36 -13.34 10.43 -15.42
N SER A 37 -13.04 9.26 -14.87
CA SER A 37 -13.67 8.77 -13.65
C SER A 37 -12.62 8.02 -12.84
N ALA A 38 -13.08 7.31 -11.80
CA ALA A 38 -12.20 6.52 -10.96
C ALA A 38 -12.10 5.10 -11.50
N ALA A 39 -10.91 4.50 -11.39
CA ALA A 39 -10.71 3.15 -11.89
C ALA A 39 -11.57 2.15 -11.12
N HIS A 40 -11.77 2.37 -9.82
CA HIS A 40 -12.60 1.45 -9.04
C HIS A 40 -14.06 1.54 -9.40
N CYS A 41 -14.47 2.53 -10.20
CA CYS A 41 -15.83 2.60 -10.73
C CYS A 41 -16.03 1.73 -11.96
N TYR A 42 -15.00 1.00 -12.40
CA TYR A 42 -15.12 0.23 -13.62
C TYR A 42 -16.20 -0.83 -13.50
N LYS A 43 -17.00 -0.96 -14.56
CA LYS A 43 -17.91 -2.08 -14.74
C LYS A 43 -18.34 -2.10 -16.19
N SER A 44 -18.82 -3.26 -16.63
CA SER A 44 -19.29 -3.35 -18.01
C SER A 44 -20.67 -2.71 -18.15
N GLY A 45 -21.01 -2.36 -19.39
CA GLY A 45 -22.32 -1.82 -19.70
C GLY A 45 -22.61 -0.47 -19.07
N ILE A 46 -21.65 0.46 -19.16
CA ILE A 46 -21.81 1.80 -18.59
C ILE A 46 -22.51 2.69 -19.60
N GLN A 47 -23.52 3.42 -19.13
CA GLN A 47 -24.15 4.48 -19.90
C GLN A 47 -23.80 5.82 -19.25
N VAL A 48 -23.20 6.71 -20.03
CA VAL A 48 -22.83 8.03 -19.55
C VAL A 48 -24.02 8.97 -19.75
N ARG A 49 -24.39 9.68 -18.69
CA ARG A 49 -25.54 10.57 -18.70
C ARG A 49 -25.06 12.00 -18.45
N LEU A 50 -25.11 12.82 -19.50
CA LEU A 50 -24.64 14.20 -19.44
C LEU A 50 -25.82 15.15 -19.28
N GLY A 51 -25.52 16.35 -18.80
CA GLY A 51 -26.56 17.37 -18.62
C GLY A 51 -27.59 17.02 -17.57
N GLU A 52 -27.21 16.25 -16.57
CA GLU A 52 -28.14 15.78 -15.55
C GLU A 52 -28.21 16.75 -14.36
N ASP A 53 -29.42 16.95 -13.86
CA ASP A 53 -29.60 17.56 -12.54
C ASP A 53 -30.31 16.56 -11.64
N ASN A 54 -31.64 16.46 -11.77
CA ASN A 54 -32.39 15.41 -11.09
C ASN A 54 -32.19 14.11 -11.88
N ILE A 55 -31.42 13.18 -11.31
CA ILE A 55 -31.09 11.95 -12.03
C ILE A 55 -32.28 11.00 -12.15
N ASN A 56 -33.39 11.26 -11.45
CA ASN A 56 -34.55 10.40 -11.50
C ASN A 56 -35.69 10.96 -12.36
N VAL A 57 -35.50 12.13 -12.96
CA VAL A 57 -36.52 12.74 -13.82
C VAL A 57 -35.83 13.27 -15.07
N VAL A 58 -36.33 12.89 -16.24
CA VAL A 58 -35.87 13.47 -17.49
C VAL A 58 -36.39 14.90 -17.56
N GLU A 59 -35.48 15.86 -17.53
CA GLU A 59 -35.84 17.27 -17.47
C GLU A 59 -35.60 18.01 -18.78
N GLY A 60 -35.12 17.34 -19.82
CA GLY A 60 -35.04 17.94 -21.13
C GLY A 60 -33.65 18.36 -21.59
N ASN A 61 -32.64 18.25 -20.73
CA ASN A 61 -31.28 18.64 -21.10
C ASN A 61 -30.31 17.46 -21.04
N GLU A 62 -30.80 16.25 -20.83
CA GLU A 62 -29.93 15.09 -20.69
C GLU A 62 -29.42 14.62 -22.04
N GLN A 63 -28.23 14.01 -22.02
CA GLN A 63 -27.71 13.27 -23.16
C GLN A 63 -27.24 11.92 -22.63
N PHE A 64 -27.90 10.85 -23.07
CA PHE A 64 -27.55 9.50 -22.64
C PHE A 64 -26.74 8.84 -23.74
N ILE A 65 -25.44 8.64 -23.49
CA ILE A 65 -24.52 8.07 -24.47
C ILE A 65 -23.86 6.86 -23.85
N SER A 66 -23.99 5.71 -24.50
CA SER A 66 -23.35 4.50 -24.03
C SER A 66 -21.84 4.58 -24.21
N ALA A 67 -21.11 3.93 -23.31
CA ALA A 67 -19.67 3.82 -23.43
C ALA A 67 -19.30 2.77 -24.47
N SER A 68 -18.35 3.13 -25.34
CA SER A 68 -17.80 2.17 -26.28
C SER A 68 -16.56 1.47 -25.76
N LYS A 69 -15.83 2.10 -24.83
CA LYS A 69 -14.60 1.54 -24.32
C LYS A 69 -14.28 2.18 -22.97
N SER A 70 -13.87 1.34 -22.02
CA SER A 70 -13.36 1.79 -20.74
C SER A 70 -11.90 1.40 -20.62
N ILE A 71 -11.07 2.30 -20.12
CA ILE A 71 -9.62 2.09 -20.02
C ILE A 71 -9.21 2.41 -18.60
N VAL A 72 -8.99 1.37 -17.80
CA VAL A 72 -8.42 1.55 -16.47
C VAL A 72 -6.94 1.86 -16.61
N HIS A 73 -6.43 2.71 -15.72
CA HIS A 73 -5.02 3.07 -15.75
C HIS A 73 -4.16 1.82 -15.70
N PRO A 74 -3.08 1.75 -16.47
CA PRO A 74 -2.29 0.50 -16.52
C PRO A 74 -1.67 0.12 -15.19
N SER A 75 -1.52 1.06 -14.25
CA SER A 75 -0.92 0.80 -12.96
C SER A 75 -1.91 0.95 -11.81
N TYR A 76 -3.21 0.86 -12.10
CA TYR A 76 -4.22 0.98 -11.04
C TYR A 76 -4.06 -0.16 -10.04
N ASN A 77 -3.97 0.20 -8.76
CA ASN A 77 -3.74 -0.73 -7.67
C ASN A 77 -5.01 -0.82 -6.85
N SER A 78 -5.83 -1.85 -7.10
CA SER A 78 -7.09 -1.97 -6.39
C SER A 78 -6.90 -2.26 -4.90
N ASN A 79 -5.71 -2.73 -4.50
CA ASN A 79 -5.45 -2.98 -3.08
C ASN A 79 -5.21 -1.68 -2.32
N THR A 80 -4.43 -0.76 -2.89
CA THR A 80 -4.10 0.51 -2.23
C THR A 80 -4.82 1.70 -2.84
N LEU A 81 -5.56 1.50 -3.93
CA LEU A 81 -6.27 2.57 -4.64
C LEU A 81 -5.33 3.57 -5.29
N ASN A 82 -4.06 3.20 -5.44
CA ASN A 82 -3.12 4.04 -6.17
C ASN A 82 -3.44 4.00 -7.66
N ASN A 83 -3.28 5.15 -8.31
CA ASN A 83 -3.56 5.31 -9.74
C ASN A 83 -5.03 4.99 -10.04
N ASP A 84 -5.91 5.55 -9.22
CA ASP A 84 -7.36 5.32 -9.33
C ASP A 84 -7.93 6.32 -10.32
N ILE A 85 -7.72 6.02 -11.61
CA ILE A 85 -8.21 6.86 -12.70
C ILE A 85 -8.59 5.96 -13.86
N MET A 86 -9.67 6.33 -14.55
CA MET A 86 -10.22 5.54 -15.65
C MET A 86 -10.74 6.48 -16.73
N LEU A 87 -10.49 6.11 -17.99
CA LEU A 87 -11.00 6.84 -19.13
C LEU A 87 -12.17 6.08 -19.76
N ILE A 88 -13.21 6.82 -20.13
CA ILE A 88 -14.41 6.26 -20.73
C ILE A 88 -14.66 6.99 -22.04
N LYS A 89 -14.73 6.24 -23.13
CA LYS A 89 -15.02 6.82 -24.43
C LYS A 89 -16.49 6.63 -24.77
N LEU A 90 -17.10 7.67 -25.32
CA LEU A 90 -18.51 7.65 -25.69
C LEU A 90 -18.67 7.08 -27.09
N LYS A 91 -19.76 6.32 -27.30
CA LYS A 91 -20.02 5.77 -28.63
C LYS A 91 -20.23 6.87 -29.66
N SER A 92 -20.76 8.02 -29.23
CA SER A 92 -20.96 9.16 -30.12
C SER A 92 -20.57 10.43 -29.38
N ALA A 93 -20.09 11.41 -30.14
CA ALA A 93 -19.70 12.69 -29.55
C ALA A 93 -20.91 13.41 -28.99
N ALA A 94 -20.75 13.96 -27.78
CA ALA A 94 -21.82 14.72 -27.16
C ALA A 94 -21.92 16.10 -27.79
N SER A 95 -23.09 16.72 -27.64
CA SER A 95 -23.31 18.09 -28.10
C SER A 95 -22.90 19.04 -26.99
N LEU A 96 -21.76 19.70 -27.17
CA LEU A 96 -21.26 20.62 -26.17
C LEU A 96 -22.07 21.91 -26.23
N ASN A 97 -22.69 22.27 -25.11
CA ASN A 97 -23.50 23.48 -25.01
C ASN A 97 -23.24 24.10 -23.64
N SER A 98 -24.12 24.99 -23.21
CA SER A 98 -23.93 25.65 -21.93
C SER A 98 -24.15 24.69 -20.76
N ARG A 99 -25.06 23.73 -20.91
CA ARG A 99 -25.35 22.78 -19.84
C ARG A 99 -24.55 21.49 -19.94
N VAL A 100 -23.87 21.26 -21.06
CA VAL A 100 -22.98 20.12 -21.25
C VAL A 100 -21.67 20.69 -21.77
N ALA A 101 -20.66 20.80 -20.90
CA ALA A 101 -19.40 21.39 -21.26
C ALA A 101 -18.26 20.58 -20.67
N SER A 102 -17.12 20.59 -21.37
CA SER A 102 -15.96 19.87 -20.88
C SER A 102 -15.22 20.71 -19.83
N ILE A 103 -14.45 20.02 -19.00
CA ILE A 103 -13.61 20.66 -17.99
C ILE A 103 -12.15 20.49 -18.41
N SER A 104 -11.35 21.53 -18.17
CA SER A 104 -9.97 21.53 -18.61
C SER A 104 -9.10 20.67 -17.70
N LEU A 105 -8.11 20.03 -18.30
CA LEU A 105 -7.11 19.30 -17.52
C LEU A 105 -6.09 20.29 -16.95
N PRO A 106 -5.46 19.95 -15.83
CA PRO A 106 -4.50 20.87 -15.23
C PRO A 106 -3.18 20.88 -16.01
N THR A 107 -2.55 22.05 -16.04
CA THR A 107 -1.19 22.19 -16.53
C THR A 107 -0.17 22.19 -15.40
N SER A 108 -0.62 22.39 -14.15
CA SER A 108 0.23 22.32 -12.98
C SER A 108 -0.61 21.84 -11.81
N CYS A 109 0.03 21.17 -10.86
CA CYS A 109 -0.66 20.68 -9.70
C CYS A 109 -1.10 21.83 -8.79
N ALA A 110 -2.22 21.64 -8.12
CA ALA A 110 -2.73 22.64 -7.20
C ALA A 110 -2.01 22.55 -5.86
N SER A 111 -1.95 23.68 -5.15
CA SER A 111 -1.28 23.76 -3.87
C SER A 111 -2.26 23.57 -2.72
N ALA A 112 -1.72 23.27 -1.54
CA ALA A 112 -2.54 23.11 -0.36
C ALA A 112 -3.22 24.43 0.01
N GLY A 113 -4.47 24.34 0.44
CA GLY A 113 -5.24 25.52 0.77
C GLY A 113 -6.07 26.07 -0.37
N THR A 114 -5.90 25.55 -1.58
CA THR A 114 -6.72 26.00 -2.71
C THR A 114 -8.15 25.52 -2.53
N GLN A 115 -9.10 26.45 -2.67
CA GLN A 115 -10.51 26.09 -2.61
C GLN A 115 -10.91 25.38 -3.89
N CYS A 116 -11.65 24.28 -3.75
CA CYS A 116 -12.09 23.48 -4.89
C CYS A 116 -13.57 23.18 -4.75
N LEU A 117 -14.18 22.84 -5.89
CA LEU A 117 -15.59 22.47 -5.95
C LEU A 117 -15.71 20.97 -6.13
N ILE A 118 -16.39 20.31 -5.20
CA ILE A 118 -16.64 18.88 -5.27
C ILE A 118 -18.14 18.67 -5.39
N SER A 119 -18.55 17.88 -6.39
CA SER A 119 -19.96 17.68 -6.68
C SER A 119 -20.23 16.21 -6.92
N GLY A 120 -21.50 15.84 -6.79
CA GLY A 120 -21.90 14.46 -7.00
C GLY A 120 -23.27 14.19 -6.44
N TRP A 121 -23.80 13.02 -6.78
CA TRP A 121 -25.09 12.55 -6.30
C TRP A 121 -24.95 11.52 -5.18
N GLY A 122 -23.91 11.65 -4.35
CA GLY A 122 -23.68 10.69 -3.30
C GLY A 122 -24.50 10.96 -2.05
N ASN A 123 -24.41 10.02 -1.11
CA ASN A 123 -25.14 10.12 0.15
C ASN A 123 -24.84 11.43 0.86
N THR A 124 -25.88 12.06 1.40
CA THR A 124 -25.76 13.36 2.04
C THR A 124 -25.66 13.28 3.55
N LYS A 125 -25.61 12.08 4.12
CA LYS A 125 -25.60 11.90 5.57
C LYS A 125 -24.29 11.28 6.02
N SER A 126 -23.73 11.83 7.10
CA SER A 126 -22.52 11.24 7.70
C SER A 126 -22.86 10.02 8.55
N SER A 127 -24.01 10.05 9.23
CA SER A 127 -24.51 8.92 10.00
C SER A 127 -25.93 8.64 9.52
N GLY A 128 -26.08 7.66 8.64
CA GLY A 128 -27.35 7.32 8.05
C GLY A 128 -27.22 7.18 6.54
N THR A 129 -28.34 7.27 5.85
CA THR A 129 -28.36 7.07 4.41
C THR A 129 -29.51 7.89 3.82
N SER A 130 -29.16 8.86 2.99
CA SER A 130 -30.16 9.65 2.26
C SER A 130 -29.51 10.08 0.95
N TYR A 131 -30.01 9.55 -0.17
CA TYR A 131 -29.43 9.84 -1.47
C TYR A 131 -30.24 10.92 -2.16
N PRO A 132 -29.62 12.03 -2.56
CA PRO A 132 -30.35 13.09 -3.24
C PRO A 132 -30.58 12.72 -4.70
N ASP A 133 -31.47 13.48 -5.32
CA ASP A 133 -31.73 13.33 -6.75
C ASP A 133 -31.15 14.45 -7.59
N VAL A 134 -31.07 15.66 -7.03
CA VAL A 134 -30.40 16.76 -7.71
C VAL A 134 -28.94 16.77 -7.30
N LEU A 135 -28.11 17.43 -8.11
CA LEU A 135 -26.68 17.46 -7.87
C LEU A 135 -26.35 18.33 -6.65
N LYS A 136 -25.52 17.81 -5.77
CA LYS A 136 -25.07 18.54 -4.59
C LYS A 136 -23.64 19.01 -4.80
N CYS A 137 -23.31 20.17 -4.22
CA CYS A 137 -22.01 20.81 -4.38
C CYS A 137 -21.37 21.04 -3.03
N LEU A 138 -20.04 21.11 -3.04
CA LEU A 138 -19.27 21.33 -1.82
C LEU A 138 -18.00 22.10 -2.15
N LYS A 139 -17.75 23.18 -1.41
CA LYS A 139 -16.50 23.92 -1.51
C LYS A 139 -15.57 23.46 -0.40
N ALA A 140 -14.45 22.86 -0.77
CA ALA A 140 -13.51 22.31 0.19
C ALA A 140 -12.07 22.67 -0.21
N PRO A 141 -11.22 22.99 0.75
CA PRO A 141 -9.82 23.27 0.44
C PRO A 141 -9.01 21.99 0.33
N ILE A 142 -7.92 22.09 -0.41
CA ILE A 142 -6.96 21.00 -0.48
C ILE A 142 -6.10 21.03 0.77
N LEU A 143 -6.00 19.88 1.44
CA LEU A 143 -5.22 19.78 2.66
C LEU A 143 -3.76 19.46 2.32
N SER A 144 -2.86 19.83 3.23
CA SER A 144 -1.45 19.57 3.03
C SER A 144 -1.20 18.06 2.96
N ASP A 145 -0.17 17.68 2.21
CA ASP A 145 0.19 16.27 2.10
C ASP A 145 0.53 15.69 3.46
N SER A 146 1.16 16.49 4.33
CA SER A 146 1.53 16.00 5.65
CA SER A 146 1.53 16.00 5.65
C SER A 146 0.30 15.68 6.50
N SER A 147 -0.70 16.56 6.49
CA SER A 147 -1.91 16.31 7.27
C SER A 147 -2.75 15.20 6.66
N CYS A 148 -2.67 15.03 5.34
CA CYS A 148 -3.36 13.92 4.69
C CYS A 148 -2.79 12.58 5.15
N LYS A 149 -1.46 12.46 5.15
CA LYS A 149 -0.83 11.25 5.66
C LYS A 149 -1.03 11.10 7.15
N SER A 150 -1.13 12.22 7.88
CA SER A 150 -1.40 12.14 9.31
C SER A 150 -2.79 11.58 9.59
N ALA A 151 -3.75 11.83 8.69
CA ALA A 151 -5.08 11.28 8.87
C ALA A 151 -5.11 9.79 8.53
N TYR A 152 -4.39 9.37 7.49
CA TYR A 152 -4.34 7.99 7.04
C TYR A 152 -2.89 7.53 6.98
N PRO A 153 -2.29 7.21 8.12
CA PRO A 153 -0.87 6.82 8.14
C PRO A 153 -0.62 5.59 7.27
N GLY A 154 0.36 5.72 6.36
CA GLY A 154 0.79 4.63 5.52
C GLY A 154 -0.11 4.30 4.35
N GLN A 155 -1.12 5.13 4.07
CA GLN A 155 -2.06 4.84 3.00
C GLN A 155 -2.10 5.88 1.89
N ILE A 156 -1.45 7.02 2.06
CA ILE A 156 -1.48 8.10 1.08
C ILE A 156 -0.26 7.99 0.19
N THR A 157 -0.48 7.92 -1.12
CA THR A 157 0.60 7.89 -2.09
C THR A 157 0.77 9.27 -2.71
N SER A 158 1.79 9.39 -3.58
CA SER A 158 2.03 10.65 -4.28
C SER A 158 0.97 10.96 -5.32
N ASN A 159 0.08 10.01 -5.60
CA ASN A 159 -0.99 10.21 -6.57
C ASN A 159 -2.34 10.47 -5.90
N MET A 160 -2.33 10.77 -4.60
CA MET A 160 -3.54 11.07 -3.84
C MET A 160 -3.33 12.38 -3.08
N PHE A 161 -4.42 13.10 -2.85
CA PHE A 161 -4.41 14.25 -1.95
C PHE A 161 -5.73 14.28 -1.19
N CYS A 162 -5.67 14.80 0.03
CA CYS A 162 -6.86 14.97 0.84
C CYS A 162 -7.47 16.34 0.60
N ALA A 163 -8.79 16.42 0.79
CA ALA A 163 -9.51 17.68 0.66
C ALA A 163 -10.71 17.65 1.60
N GLY A 164 -10.99 18.79 2.22
CA GLY A 164 -12.09 18.87 3.14
C GLY A 164 -11.72 19.53 4.46
N TYR A 165 -12.24 18.99 5.56
CA TYR A 165 -12.12 19.63 6.86
C TYR A 165 -11.84 18.55 7.91
N LEU A 166 -10.73 18.70 8.63
CA LEU A 166 -10.36 17.71 9.65
C LEU A 166 -11.37 17.67 10.79
N GLU A 167 -12.14 18.73 11.00
CA GLU A 167 -13.19 18.72 12.02
C GLU A 167 -14.44 17.99 11.54
N GLY A 168 -14.45 17.46 10.32
CA GLY A 168 -15.59 16.74 9.81
C GLY A 168 -16.74 17.65 9.47
N GLY A 169 -17.85 17.03 9.07
CA GLY A 169 -19.08 17.72 8.77
C GLY A 169 -19.33 17.94 7.29
N LYS A 170 -18.27 18.10 6.50
CA LYS A 170 -18.38 18.35 5.07
C LYS A 170 -17.41 17.43 4.34
N ASP A 171 -17.94 16.61 3.43
CA ASP A 171 -17.13 15.60 2.76
C ASP A 171 -17.93 15.02 1.60
N SER A 172 -17.25 14.24 0.77
CA SER A 172 -17.93 13.41 -0.22
C SER A 172 -18.28 12.07 0.42
N CYS A 173 -19.20 11.36 -0.22
CA CYS A 173 -19.71 10.12 0.38
C CYS A 173 -20.08 9.13 -0.72
N GLN A 174 -20.65 8.01 -0.29
CA GLN A 174 -20.99 6.90 -1.19
C GLN A 174 -21.91 7.37 -2.32
N GLY A 175 -21.46 7.16 -3.55
CA GLY A 175 -22.15 7.64 -4.73
C GLY A 175 -21.45 8.77 -5.44
N ASP A 176 -20.48 9.42 -4.79
CA ASP A 176 -19.74 10.52 -5.38
C ASP A 176 -18.51 10.07 -6.16
N SER A 177 -18.14 8.78 -6.07
CA SER A 177 -16.90 8.31 -6.67
C SER A 177 -16.82 8.62 -8.15
N GLY A 178 -15.60 8.88 -8.62
CA GLY A 178 -15.36 9.28 -9.99
C GLY A 178 -15.64 10.73 -10.29
N GLY A 179 -16.31 11.45 -9.38
CA GLY A 179 -16.71 12.81 -9.62
C GLY A 179 -15.55 13.79 -9.61
N PRO A 180 -15.83 15.04 -9.98
CA PRO A 180 -14.76 16.03 -10.14
C PRO A 180 -14.38 16.71 -8.84
N VAL A 181 -13.11 17.11 -8.79
CA VAL A 181 -12.61 18.09 -7.84
C VAL A 181 -11.96 19.18 -8.69
N VAL A 182 -12.66 20.31 -8.85
CA VAL A 182 -12.23 21.36 -9.76
C VAL A 182 -11.72 22.53 -8.95
N CYS A 183 -10.50 22.97 -9.25
CA CYS A 183 -9.85 24.09 -8.57
C CYS A 183 -9.32 25.05 -9.63
N SER A 184 -9.78 26.29 -9.58
CA SER A 184 -9.38 27.33 -10.53
C SER A 184 -9.67 26.88 -11.97
N GLY A 185 -10.83 26.29 -12.18
CA GLY A 185 -11.24 25.88 -13.51
C GLY A 185 -10.51 24.69 -14.08
N LYS A 186 -9.78 23.94 -13.26
CA LYS A 186 -9.04 22.76 -13.71
C LYS A 186 -9.50 21.54 -12.92
N LEU A 187 -9.54 20.39 -13.60
CA LEU A 187 -9.89 19.13 -12.96
C LEU A 187 -8.67 18.60 -12.22
N GLN A 188 -8.62 18.85 -10.91
CA GLN A 188 -7.46 18.48 -10.12
C GLN A 188 -7.62 17.15 -9.39
N GLY A 189 -8.84 16.73 -9.08
CA GLY A 189 -9.04 15.54 -8.29
C GLY A 189 -10.18 14.69 -8.80
N ILE A 190 -10.14 13.42 -8.41
CA ILE A 190 -11.20 12.45 -8.67
C ILE A 190 -11.62 11.85 -7.34
N VAL A 191 -12.93 11.82 -7.09
CA VAL A 191 -13.43 11.24 -5.84
C VAL A 191 -13.00 9.79 -5.75
N SER A 192 -12.22 9.46 -4.72
CA SER A 192 -11.63 8.14 -4.62
C SER A 192 -12.14 7.36 -3.41
N TRP A 193 -11.66 7.67 -2.21
CA TRP A 193 -11.98 6.85 -1.05
C TRP A 193 -11.91 7.68 0.22
N GLY A 194 -12.23 7.03 1.34
CA GLY A 194 -12.18 7.63 2.65
C GLY A 194 -12.57 6.62 3.70
N SER A 195 -12.62 7.08 4.94
CA SER A 195 -13.06 6.27 6.08
C SER A 195 -14.35 6.89 6.60
N GLY A 196 -15.48 6.29 6.24
CA GLY A 196 -16.73 6.95 6.57
C GLY A 196 -16.90 8.21 5.75
N CYS A 197 -17.83 9.04 6.19
CA CYS A 197 -18.12 10.31 5.52
C CYS A 197 -18.24 11.42 6.54
N ALA A 198 -17.54 12.52 6.29
CA ALA A 198 -17.61 13.72 7.13
C ALA A 198 -17.22 13.44 8.57
N GLN A 199 -16.42 12.40 8.78
CA GLN A 199 -15.95 12.08 10.12
C GLN A 199 -14.75 12.93 10.50
N LYS A 200 -14.61 13.18 11.80
CA LYS A 200 -13.47 13.92 12.31
C LYS A 200 -12.18 13.17 11.98
N ASN A 201 -11.18 13.93 11.50
CA ASN A 201 -9.86 13.42 11.13
C ASN A 201 -9.89 12.44 9.96
N LYS A 202 -11.01 12.34 9.24
CA LYS A 202 -11.16 11.41 8.12
C LYS A 202 -11.63 12.17 6.88
N PRO A 203 -10.79 13.03 6.32
CA PRO A 203 -11.18 13.73 5.09
C PRO A 203 -11.15 12.81 3.89
N GLY A 204 -11.86 13.22 2.85
CA GLY A 204 -11.87 12.45 1.62
C GLY A 204 -10.52 12.47 0.93
N VAL A 205 -10.21 11.38 0.24
CA VAL A 205 -8.98 11.24 -0.52
C VAL A 205 -9.34 11.24 -2.01
N TYR A 206 -8.53 11.91 -2.81
CA TYR A 206 -8.84 12.13 -4.21
C TYR A 206 -7.64 11.82 -5.09
N THR A 207 -7.92 11.27 -6.27
CA THR A 207 -6.86 10.97 -7.22
C THR A 207 -6.25 12.27 -7.75
N LYS A 208 -4.92 12.36 -7.71
CA LYS A 208 -4.21 13.57 -8.12
C LYS A 208 -4.12 13.58 -9.64
N VAL A 209 -5.02 14.33 -10.28
CA VAL A 209 -5.15 14.26 -11.74
C VAL A 209 -3.92 14.82 -12.45
N CYS A 210 -3.28 15.84 -11.87
CA CYS A 210 -2.15 16.49 -12.53
C CYS A 210 -0.99 15.53 -12.81
N ASN A 211 -0.96 14.35 -12.21
CA ASN A 211 0.07 13.37 -12.47
C ASN A 211 -0.31 12.43 -13.62
N TYR A 212 -1.42 12.67 -14.30
CA TYR A 212 -1.90 11.77 -15.34
C TYR A 212 -2.24 12.46 -16.65
N VAL A 213 -1.95 13.77 -16.76
CA VAL A 213 -2.27 14.50 -17.99
C VAL A 213 -1.58 13.88 -19.19
N SER A 214 -0.34 13.43 -19.02
CA SER A 214 0.39 12.82 -20.12
C SER A 214 -0.28 11.54 -20.59
N TRP A 215 -0.61 10.64 -19.66
CA TRP A 215 -1.26 9.39 -20.02
C TRP A 215 -2.66 9.64 -20.59
N ILE A 216 -3.37 10.64 -20.07
CA ILE A 216 -4.72 10.93 -20.57
C ILE A 216 -4.65 11.42 -22.02
N LYS A 217 -3.72 12.33 -22.31
CA LYS A 217 -3.65 12.89 -23.66
C LYS A 217 -3.25 11.84 -24.69
N GLN A 218 -2.26 11.01 -24.37
CA GLN A 218 -1.79 10.02 -25.33
C GLN A 218 -2.85 8.94 -25.54
N THR A 219 -3.58 8.56 -24.48
CA THR A 219 -4.56 7.49 -24.61
C THR A 219 -5.72 7.90 -25.51
N ILE A 220 -6.27 9.10 -25.28
CA ILE A 220 -7.41 9.52 -26.09
C ILE A 220 -6.99 9.82 -27.52
N ALA A 221 -5.73 10.20 -27.74
CA ALA A 221 -5.26 10.49 -29.09
C ALA A 221 -5.12 9.22 -29.91
N SER A 222 -4.94 8.08 -29.25
CA SER A 222 -4.76 6.81 -29.94
C SER A 222 -5.99 5.91 -29.87
N ASN A 223 -7.04 6.33 -29.18
CA ASN A 223 -8.25 5.53 -29.06
C ASN A 223 -9.47 6.26 -29.61
N ILE B 1 13.05 -21.05 8.69
CA ILE B 1 13.48 -21.58 7.41
C ILE B 1 12.82 -22.94 7.14
N VAL B 2 12.04 -23.03 6.07
CA VAL B 2 11.34 -24.24 5.68
C VAL B 2 12.06 -24.87 4.50
N GLY B 3 12.23 -26.19 4.54
CA GLY B 3 12.87 -26.90 3.44
C GLY B 3 14.34 -26.62 3.28
N GLY B 4 15.02 -26.20 4.34
CA GLY B 4 16.43 -25.89 4.30
C GLY B 4 17.29 -26.98 4.89
N TYR B 5 18.44 -26.57 5.43
CA TYR B 5 19.41 -27.50 5.99
C TYR B 5 20.14 -26.83 7.14
N THR B 6 20.80 -27.64 7.96
CA THR B 6 21.61 -27.11 9.05
C THR B 6 22.86 -26.45 8.51
N CYS B 7 23.05 -25.16 8.84
CA CYS B 7 24.18 -24.42 8.30
C CYS B 7 25.51 -25.02 8.72
N GLY B 8 25.61 -25.45 9.97
CA GLY B 8 26.89 -25.76 10.57
C GLY B 8 27.28 -24.61 11.48
N ALA B 9 27.93 -24.93 12.60
CA ALA B 9 28.20 -23.93 13.63
C ALA B 9 29.05 -22.79 13.09
N ASN B 10 28.52 -21.57 13.18
CA ASN B 10 29.25 -20.34 12.90
C ASN B 10 29.68 -20.21 11.44
N THR B 11 29.08 -20.99 10.54
CA THR B 11 29.36 -20.85 9.11
C THR B 11 28.69 -19.62 8.52
N VAL B 12 27.77 -18.98 9.24
CA VAL B 12 27.17 -17.72 8.84
C VAL B 12 27.54 -16.69 9.90
N PRO B 13 28.79 -16.19 9.91
CA PRO B 13 29.25 -15.38 11.04
C PRO B 13 28.61 -14.01 11.15
N TYR B 14 27.88 -13.56 10.13
CA TYR B 14 27.16 -12.29 10.20
C TYR B 14 25.74 -12.45 10.72
N GLN B 15 25.24 -13.67 10.82
CA GLN B 15 23.89 -13.91 11.32
C GLN B 15 23.79 -13.52 12.79
N VAL B 16 22.72 -12.82 13.14
CA VAL B 16 22.50 -12.33 14.49
C VAL B 16 21.15 -12.82 14.99
N SER B 17 21.05 -13.01 16.30
CA SER B 17 19.79 -13.29 16.97
C SER B 17 19.43 -12.10 17.85
N LEU B 18 18.22 -11.58 17.68
CA LEU B 18 17.71 -10.49 18.51
C LEU B 18 16.90 -11.10 19.65
N ASN B 19 17.30 -10.79 20.89
CA ASN B 19 16.73 -11.41 22.07
C ASN B 19 16.13 -10.34 22.97
N SER B 20 14.88 -10.55 23.39
CA SER B 20 14.19 -9.74 24.39
C SER B 20 13.57 -10.63 25.45
N GLY B 21 14.39 -11.49 26.04
CA GLY B 21 13.90 -12.61 26.84
C GLY B 21 13.74 -13.89 26.06
N TYR B 22 13.77 -13.81 24.74
CA TYR B 22 13.63 -14.95 23.83
C TYR B 22 14.02 -14.46 22.45
N HIS B 23 14.29 -15.40 21.55
CA HIS B 23 14.57 -15.04 20.16
C HIS B 23 13.27 -14.62 19.48
N PHE B 24 13.24 -13.39 18.97
CA PHE B 24 12.07 -12.89 18.24
C PHE B 24 12.36 -12.46 16.82
N CYS B 25 13.61 -12.17 16.46
CA CYS B 25 13.97 -11.79 15.10
C CYS B 25 15.44 -12.08 14.88
N GLY B 26 15.85 -12.02 13.62
CA GLY B 26 17.25 -12.12 13.25
C GLY B 26 17.81 -10.77 12.83
N GLY B 27 19.07 -10.79 12.41
CA GLY B 27 19.74 -9.57 11.99
C GLY B 27 21.08 -9.89 11.35
N SER B 28 21.69 -8.86 10.79
CA SER B 28 22.97 -8.99 10.08
C SER B 28 23.95 -7.96 10.61
N LEU B 29 25.15 -8.43 10.97
CA LEU B 29 26.20 -7.54 11.43
C LEU B 29 26.90 -6.91 10.22
N ILE B 30 26.90 -5.58 10.15
CA ILE B 30 27.53 -4.89 9.04
C ILE B 30 28.82 -4.18 9.43
N ASN B 31 29.04 -3.92 10.71
CA ASN B 31 30.35 -3.58 11.25
C ASN B 31 30.34 -3.95 12.73
N SER B 32 31.46 -3.65 13.41
CA SER B 32 31.61 -4.10 14.79
C SER B 32 30.60 -3.46 15.74
N GLN B 33 29.88 -2.41 15.32
CA GLN B 33 28.97 -1.71 16.21
C GLN B 33 27.54 -1.62 15.69
N TRP B 34 27.25 -2.14 14.50
CA TRP B 34 25.95 -1.91 13.89
C TRP B 34 25.39 -3.20 13.32
N VAL B 35 24.07 -3.36 13.49
CA VAL B 35 23.33 -4.52 12.98
C VAL B 35 22.19 -3.99 12.12
N VAL B 36 21.97 -4.66 10.99
CA VAL B 36 20.84 -4.37 10.11
C VAL B 36 19.76 -5.41 10.36
N SER B 37 18.52 -4.96 10.56
CA SER B 37 17.39 -5.85 10.74
C SER B 37 16.17 -5.24 10.05
N ALA B 38 15.00 -5.80 10.31
CA ALA B 38 13.76 -5.29 9.75
C ALA B 38 13.10 -4.31 10.71
N ALA B 39 12.47 -3.28 10.14
CA ALA B 39 11.84 -2.27 10.98
C ALA B 39 10.68 -2.82 11.80
N HIS B 40 9.95 -3.81 11.25
CA HIS B 40 8.85 -4.40 11.99
C HIS B 40 9.33 -5.25 13.17
N CYS B 41 10.61 -5.57 13.24
CA CYS B 41 11.19 -6.25 14.39
C CYS B 41 11.47 -5.31 15.56
N TYR B 42 11.16 -4.03 15.42
CA TYR B 42 11.52 -3.08 16.48
C TYR B 42 10.83 -3.40 17.78
N LYS B 43 11.60 -3.39 18.86
CA LYS B 43 11.05 -3.38 20.21
C LYS B 43 12.13 -2.85 21.13
N SER B 44 11.72 -2.41 22.31
CA SER B 44 12.67 -1.89 23.28
C SER B 44 13.40 -3.05 23.97
N GLY B 45 14.51 -2.72 24.61
CA GLY B 45 15.28 -3.70 25.37
C GLY B 45 15.85 -4.83 24.54
N ILE B 46 16.35 -4.52 23.35
CA ILE B 46 16.92 -5.54 22.48
C ILE B 46 18.32 -5.90 22.96
N GLN B 47 18.60 -7.20 23.05
CA GLN B 47 19.95 -7.70 23.24
C GLN B 47 20.40 -8.40 21.97
N VAL B 48 21.57 -8.05 21.48
CA VAL B 48 22.13 -8.59 20.25
C VAL B 48 23.04 -9.76 20.59
N ARG B 49 22.77 -10.92 20.00
CA ARG B 49 23.48 -12.15 20.30
C ARG B 49 24.24 -12.60 19.06
N LEU B 50 25.56 -12.44 19.08
CA LEU B 50 26.43 -12.78 17.96
C LEU B 50 27.14 -14.10 18.23
N GLY B 51 27.65 -14.70 17.16
CA GLY B 51 28.35 -15.97 17.28
C GLY B 51 27.48 -17.13 17.67
N GLU B 52 26.17 -17.04 17.47
CA GLU B 52 25.25 -18.06 17.92
C GLU B 52 25.14 -19.19 16.91
N ASP B 53 25.02 -20.41 17.42
CA ASP B 53 24.53 -21.54 16.63
C ASP B 53 23.27 -22.08 17.29
N ASN B 54 23.45 -22.85 18.36
CA ASN B 54 22.32 -23.30 19.18
C ASN B 54 21.93 -22.16 20.11
N ILE B 55 20.75 -21.56 19.88
CA ILE B 55 20.34 -20.38 20.64
C ILE B 55 19.84 -20.71 22.03
N ASN B 56 19.81 -21.99 22.42
CA ASN B 56 19.38 -22.37 23.76
C ASN B 56 20.50 -22.92 24.62
N VAL B 57 21.73 -23.01 24.10
CA VAL B 57 22.87 -23.51 24.85
C VAL B 57 24.03 -22.55 24.64
N VAL B 58 24.67 -22.14 25.73
CA VAL B 58 25.92 -21.39 25.65
C VAL B 58 27.01 -22.35 25.20
N GLU B 59 27.53 -22.15 23.99
CA GLU B 59 28.49 -23.06 23.39
C GLU B 59 29.92 -22.56 23.40
N GLY B 60 30.16 -21.30 23.77
CA GLY B 60 31.50 -20.79 23.97
C GLY B 60 31.98 -19.78 22.96
N ASN B 61 31.21 -19.52 21.90
CA ASN B 61 31.59 -18.53 20.90
C ASN B 61 30.65 -17.34 20.83
N GLU B 62 29.67 -17.25 21.74
CA GLU B 62 28.69 -16.19 21.67
C GLU B 62 29.28 -14.87 22.18
N GLN B 63 28.65 -13.78 21.74
CA GLN B 63 28.86 -12.45 22.32
C GLN B 63 27.49 -11.80 22.48
N PHE B 64 27.14 -11.47 23.73
CA PHE B 64 25.85 -10.85 24.04
C PHE B 64 26.09 -9.37 24.28
N ILE B 65 25.57 -8.52 23.40
CA ILE B 65 25.77 -7.08 23.48
C ILE B 65 24.42 -6.40 23.43
N SER B 66 24.15 -5.55 24.41
CA SER B 66 22.89 -4.82 24.45
C SER B 66 22.84 -3.76 23.37
N ALA B 67 21.64 -3.50 22.87
CA ALA B 67 21.43 -2.42 21.92
C ALA B 67 21.44 -1.09 22.67
N SER B 68 22.23 -0.14 22.15
CA SER B 68 22.24 1.20 22.71
C SER B 68 21.23 2.12 22.03
N LYS B 69 20.95 1.87 20.75
CA LYS B 69 20.07 2.74 19.98
C LYS B 69 19.48 1.94 18.84
N SER B 70 18.17 2.09 18.62
CA SER B 70 17.48 1.54 17.47
C SER B 70 16.97 2.68 16.60
N ILE B 71 17.14 2.54 15.29
CA ILE B 71 16.78 3.58 14.34
C ILE B 71 15.94 2.93 13.24
N VAL B 72 14.61 3.01 13.37
CA VAL B 72 13.73 2.60 12.30
C VAL B 72 13.87 3.56 11.13
N HIS B 73 13.80 3.02 9.91
CA HIS B 73 13.92 3.85 8.72
C HIS B 73 12.88 4.99 8.78
N PRO B 74 13.25 6.21 8.38
CA PRO B 74 12.32 7.34 8.53
C PRO B 74 11.05 7.21 7.71
N SER B 75 11.04 6.39 6.67
CA SER B 75 9.86 6.20 5.83
C SER B 75 9.28 4.80 5.94
N TYR B 76 9.56 4.09 7.03
CA TYR B 76 8.98 2.76 7.22
C TYR B 76 7.46 2.86 7.33
N ASN B 77 6.78 2.00 6.58
CA ASN B 77 5.32 1.98 6.50
C ASN B 77 4.85 0.67 7.11
N SER B 78 4.32 0.72 8.33
CA SER B 78 3.90 -0.51 9.01
C SER B 78 2.70 -1.17 8.34
N ASN B 79 1.93 -0.41 7.55
CA ASN B 79 0.79 -0.99 6.86
CA ASN B 79 0.78 -0.98 6.85
C ASN B 79 1.21 -1.78 5.64
N THR B 80 2.02 -1.17 4.76
CA THR B 80 2.46 -1.82 3.53
C THR B 80 3.79 -2.53 3.67
N LEU B 81 4.50 -2.35 4.79
CA LEU B 81 5.82 -2.91 5.05
C LEU B 81 6.88 -2.36 4.10
N ASN B 82 6.60 -1.23 3.46
CA ASN B 82 7.60 -0.57 2.64
C ASN B 82 8.66 0.06 3.54
N ASN B 83 9.92 -0.01 3.09
CA ASN B 83 11.07 0.50 3.85
C ASN B 83 11.21 -0.23 5.18
N ASP B 84 11.10 -1.56 5.13
CA ASP B 84 11.18 -2.41 6.32
C ASP B 84 12.64 -2.70 6.62
N ILE B 85 13.32 -1.70 7.18
CA ILE B 85 14.74 -1.82 7.52
C ILE B 85 14.99 -1.02 8.79
N MET B 86 15.88 -1.53 9.64
CA MET B 86 16.17 -0.92 10.92
C MET B 86 17.65 -1.11 11.26
N LEU B 87 18.25 -0.06 11.82
CA LEU B 87 19.64 -0.10 12.28
C LEU B 87 19.66 -0.21 13.80
N ILE B 88 20.50 -1.11 14.30
CA ILE B 88 20.67 -1.33 15.74
C ILE B 88 22.14 -1.13 16.06
N LYS B 89 22.42 -0.17 16.95
CA LYS B 89 23.79 0.06 17.38
C LYS B 89 24.08 -0.70 18.66
N LEU B 90 25.24 -1.34 18.70
CA LEU B 90 25.65 -2.12 19.86
C LEU B 90 26.18 -1.19 20.95
N LYS B 91 25.89 -1.55 22.20
CA LYS B 91 26.39 -0.76 23.33
C LYS B 91 27.92 -0.76 23.37
N SER B 92 28.55 -1.83 22.89
CA SER B 92 29.99 -1.92 22.80
C SER B 92 30.36 -2.63 21.51
N ALA B 93 31.51 -2.26 20.95
CA ALA B 93 31.97 -2.85 19.71
C ALA B 93 32.25 -4.34 19.90
N ALA B 94 31.69 -5.17 19.03
CA ALA B 94 31.99 -6.59 19.05
C ALA B 94 33.40 -6.84 18.54
N SER B 95 34.02 -7.90 19.06
CA SER B 95 35.32 -8.33 18.58
C SER B 95 35.13 -9.27 17.40
N LEU B 96 35.65 -8.88 16.23
CA LEU B 96 35.47 -9.66 15.02
C LEU B 96 36.49 -10.78 14.95
N ASN B 97 36.01 -11.96 14.57
CA ASN B 97 36.86 -13.14 14.38
C ASN B 97 36.25 -13.99 13.27
N SER B 98 36.72 -15.23 13.17
CA SER B 98 36.21 -16.13 12.14
C SER B 98 34.75 -16.47 12.37
N ARG B 99 34.31 -16.58 13.63
CA ARG B 99 32.94 -16.96 13.93
C ARG B 99 32.01 -15.74 14.08
N VAL B 100 32.56 -14.54 14.14
CA VAL B 100 31.78 -13.30 14.22
C VAL B 100 32.40 -12.33 13.23
N ALA B 101 31.77 -12.19 12.06
CA ALA B 101 32.28 -11.34 11.01
C ALA B 101 31.14 -10.53 10.41
N SER B 102 31.49 -9.35 9.89
CA SER B 102 30.49 -8.49 9.29
C SER B 102 30.25 -8.89 7.83
N ILE B 103 29.08 -8.52 7.32
CA ILE B 103 28.70 -8.79 5.94
C ILE B 103 28.73 -7.48 5.16
N SER B 104 29.18 -7.56 3.91
CA SER B 104 29.33 -6.37 3.09
C SER B 104 27.99 -5.87 2.59
N LEU B 105 27.85 -4.55 2.52
CA LEU B 105 26.71 -3.94 1.88
C LEU B 105 26.87 -4.00 0.36
N PRO B 106 25.77 -3.96 -0.39
CA PRO B 106 25.87 -4.09 -1.84
C PRO B 106 26.29 -2.78 -2.51
N THR B 107 27.08 -2.93 -3.57
CA THR B 107 27.40 -1.81 -4.45
C THR B 107 26.37 -1.63 -5.55
N SER B 108 25.76 -2.73 -5.99
CA SER B 108 24.70 -2.71 -6.99
C SER B 108 23.63 -3.70 -6.60
N CYS B 109 22.42 -3.48 -7.10
CA CYS B 109 21.31 -4.37 -6.79
C CYS B 109 21.49 -5.70 -7.52
N ALA B 110 21.09 -6.78 -6.86
CA ALA B 110 21.19 -8.10 -7.46
C ALA B 110 20.10 -8.29 -8.51
N SER B 111 20.39 -9.13 -9.50
CA SER B 111 19.46 -9.42 -10.59
C SER B 111 18.66 -10.68 -10.28
N ALA B 112 17.53 -10.81 -10.99
CA ALA B 112 16.70 -12.00 -10.83
C ALA B 112 17.46 -13.24 -11.28
N GLY B 113 17.20 -14.35 -10.60
CA GLY B 113 17.89 -15.59 -10.88
C GLY B 113 19.15 -15.82 -10.08
N THR B 114 19.66 -14.79 -9.40
CA THR B 114 20.86 -14.94 -8.58
C THR B 114 20.53 -15.80 -7.36
N GLN B 115 21.34 -16.84 -7.13
CA GLN B 115 21.17 -17.68 -5.96
C GLN B 115 21.69 -16.96 -4.72
N CYS B 116 20.89 -16.94 -3.66
CA CYS B 116 21.23 -16.27 -2.42
C CYS B 116 21.11 -17.25 -1.27
N LEU B 117 21.73 -16.89 -0.14
CA LEU B 117 21.68 -17.69 1.07
C LEU B 117 20.78 -16.99 2.09
N ILE B 118 19.75 -17.70 2.55
CA ILE B 118 18.82 -17.20 3.56
C ILE B 118 18.95 -18.08 4.79
N SER B 119 19.05 -17.46 5.97
CA SER B 119 19.29 -18.19 7.19
C SER B 119 18.49 -17.57 8.34
N GLY B 120 18.31 -18.36 9.38
CA GLY B 120 17.57 -17.91 10.55
C GLY B 120 17.15 -19.07 11.42
N TRP B 121 16.62 -18.74 12.60
CA TRP B 121 16.10 -19.71 13.54
C TRP B 121 14.58 -19.78 13.52
N GLY B 122 13.96 -19.50 12.38
CA GLY B 122 12.52 -19.47 12.28
C GLY B 122 11.90 -20.84 12.15
N ASN B 123 10.57 -20.85 12.14
CA ASN B 123 9.81 -22.10 12.06
C ASN B 123 10.21 -22.88 10.82
N THR B 124 10.31 -24.20 10.97
CA THR B 124 10.75 -25.07 9.90
C THR B 124 9.62 -25.84 9.24
N LYS B 125 8.37 -25.62 9.66
CA LYS B 125 7.23 -26.34 9.13
C LYS B 125 6.32 -25.37 8.37
N SER B 126 5.84 -25.81 7.21
CA SER B 126 4.92 -25.00 6.42
C SER B 126 3.48 -25.15 6.92
N SER B 127 3.12 -26.32 7.43
CA SER B 127 1.82 -26.56 8.07
C SER B 127 2.10 -27.24 9.41
N GLY B 128 2.29 -26.43 10.44
CA GLY B 128 2.66 -26.89 11.74
C GLY B 128 3.55 -25.86 12.43
N THR B 129 4.21 -26.28 13.50
CA THR B 129 5.02 -25.36 14.29
C THR B 129 6.11 -26.17 14.98
N SER B 130 7.34 -26.03 14.51
CA SER B 130 8.50 -26.64 15.15
C SER B 130 9.69 -25.71 14.98
N TYR B 131 10.12 -25.10 16.07
CA TYR B 131 11.22 -24.13 15.99
C TYR B 131 12.53 -24.81 16.29
N PRO B 132 13.55 -24.64 15.44
CA PRO B 132 14.85 -25.25 15.70
C PRO B 132 15.62 -24.43 16.71
N ASP B 133 16.79 -24.97 17.08
CA ASP B 133 17.70 -24.27 17.97
C ASP B 133 19.02 -23.92 17.31
N VAL B 134 19.50 -24.74 16.39
CA VAL B 134 20.67 -24.41 15.60
C VAL B 134 20.21 -23.66 14.35
N LEU B 135 21.15 -22.98 13.71
CA LEU B 135 20.82 -22.13 12.57
C LEU B 135 20.52 -22.97 11.34
N LYS B 136 19.43 -22.63 10.65
CA LYS B 136 19.04 -23.29 9.41
C LYS B 136 19.35 -22.38 8.22
N CYS B 137 19.74 -23.00 7.11
CA CYS B 137 20.13 -22.27 5.91
C CYS B 137 19.26 -22.69 4.73
N LEU B 138 19.13 -21.79 3.76
CA LEU B 138 18.37 -22.07 2.55
C LEU B 138 18.95 -21.31 1.38
N LYS B 139 19.29 -22.04 0.31
CA LYS B 139 19.70 -21.43 -0.94
C LYS B 139 18.45 -21.22 -1.80
N ALA B 140 18.22 -19.96 -2.20
CA ALA B 140 17.03 -19.60 -2.95
C ALA B 140 17.38 -18.55 -3.98
N PRO B 141 16.82 -18.63 -5.18
CA PRO B 141 17.06 -17.61 -6.20
C PRO B 141 16.12 -16.42 -6.05
N ILE B 142 16.60 -15.26 -6.47
CA ILE B 142 15.75 -14.08 -6.53
C ILE B 142 14.78 -14.24 -7.69
N LEU B 143 13.52 -13.94 -7.44
CA LEU B 143 12.50 -14.02 -8.47
C LEU B 143 12.36 -12.66 -9.16
N SER B 144 11.84 -12.69 -10.39
CA SER B 144 11.66 -11.47 -11.15
C SER B 144 10.62 -10.57 -10.48
N ASP B 145 10.70 -9.27 -10.79
CA ASP B 145 9.72 -8.33 -10.28
C ASP B 145 8.32 -8.70 -10.74
N SER B 146 8.19 -9.16 -11.99
CA SER B 146 6.87 -9.50 -12.52
C SER B 146 6.24 -10.65 -11.76
N SER B 147 6.99 -11.73 -11.55
CA SER B 147 6.45 -12.89 -10.84
C SER B 147 6.21 -12.57 -9.37
N CYS B 148 7.02 -11.69 -8.79
CA CYS B 148 6.80 -11.27 -7.40
C CYS B 148 5.49 -10.51 -7.26
N LYS B 149 5.25 -9.54 -8.15
CA LYS B 149 3.98 -8.82 -8.16
C LYS B 149 2.83 -9.72 -8.56
N SER B 150 3.08 -10.73 -9.40
CA SER B 150 2.03 -11.67 -9.78
C SER B 150 1.57 -12.47 -8.57
N ALA B 151 2.49 -12.80 -7.67
CA ALA B 151 2.14 -13.55 -6.47
C ALA B 151 1.36 -12.68 -5.49
N TYR B 152 1.74 -11.41 -5.36
CA TYR B 152 1.09 -10.48 -4.44
C TYR B 152 0.67 -9.23 -5.21
N PRO B 153 -0.44 -9.29 -5.94
CA PRO B 153 -0.86 -8.15 -6.75
C PRO B 153 -1.15 -6.92 -5.88
N GLY B 154 -0.56 -5.80 -6.29
CA GLY B 154 -0.80 -4.53 -5.61
C GLY B 154 -0.09 -4.35 -4.29
N GLN B 155 0.95 -5.14 -4.02
CA GLN B 155 1.63 -5.03 -2.72
C GLN B 155 3.14 -5.01 -2.78
N ILE B 156 3.77 -5.30 -3.92
CA ILE B 156 5.22 -5.28 -4.02
C ILE B 156 5.66 -3.87 -4.43
N THR B 157 6.42 -3.22 -3.56
CA THR B 157 6.97 -1.91 -3.87
C THR B 157 8.37 -2.07 -4.47
N SER B 158 8.92 -0.95 -4.94
CA SER B 158 10.27 -0.95 -5.50
C SER B 158 11.33 -1.24 -4.45
N ASN B 159 10.96 -1.27 -3.17
CA ASN B 159 11.88 -1.58 -2.08
C ASN B 159 11.75 -3.02 -1.61
N MET B 160 11.07 -3.88 -2.37
CA MET B 160 10.90 -5.28 -2.03
C MET B 160 11.25 -6.15 -3.23
N PHE B 161 11.62 -7.39 -2.94
CA PHE B 161 11.79 -8.41 -3.97
C PHE B 161 11.44 -9.76 -3.38
N CYS B 162 10.94 -10.66 -4.22
CA CYS B 162 10.65 -12.02 -3.81
C CYS B 162 11.85 -12.91 -4.04
N ALA B 163 11.96 -13.96 -3.23
CA ALA B 163 13.00 -14.96 -3.39
C ALA B 163 12.45 -16.30 -2.94
N GLY B 164 12.84 -17.36 -3.62
CA GLY B 164 12.36 -18.68 -3.30
C GLY B 164 11.87 -19.47 -4.49
N TYR B 165 10.74 -20.14 -4.34
CA TYR B 165 10.24 -21.07 -5.34
C TYR B 165 8.72 -20.94 -5.42
N LEU B 166 8.20 -20.70 -6.63
CA LEU B 166 6.76 -20.57 -6.79
C LEU B 166 6.02 -21.87 -6.51
N GLU B 167 6.72 -23.01 -6.62
CA GLU B 167 6.10 -24.29 -6.27
C GLU B 167 6.04 -24.52 -4.76
N GLY B 168 6.66 -23.66 -3.97
CA GLY B 168 6.64 -23.80 -2.53
C GLY B 168 7.66 -24.81 -2.03
N GLY B 169 7.52 -25.15 -0.75
CA GLY B 169 8.35 -26.15 -0.11
C GLY B 169 9.62 -25.60 0.53
N LYS B 170 10.12 -24.47 0.03
CA LYS B 170 11.32 -23.83 0.56
C LYS B 170 11.05 -22.35 0.72
N ASP B 171 11.25 -21.83 1.93
CA ASP B 171 10.92 -20.44 2.23
C ASP B 171 11.47 -20.09 3.60
N SER B 172 11.40 -18.81 3.93
CA SER B 172 11.59 -18.35 5.30
C SER B 172 10.25 -18.34 6.02
N CYS B 173 10.31 -18.27 7.35
CA CYS B 173 9.10 -18.41 8.15
C CYS B 173 9.24 -17.60 9.43
N GLN B 174 8.23 -17.73 10.29
CA GLN B 174 8.15 -16.95 11.52
C GLN B 174 9.38 -17.19 12.39
N GLY B 175 10.09 -16.11 12.71
CA GLY B 175 11.34 -16.16 13.43
C GLY B 175 12.54 -15.79 12.60
N ASP B 176 12.43 -15.84 11.27
CA ASP B 176 13.52 -15.46 10.39
C ASP B 176 13.56 -13.96 10.11
N SER B 177 12.55 -13.20 10.54
CA SER B 177 12.46 -11.78 10.22
C SER B 177 13.72 -11.03 10.64
N GLY B 178 14.07 -10.02 9.86
CA GLY B 178 15.29 -9.28 10.07
C GLY B 178 16.54 -9.99 9.62
N GLY B 179 16.45 -11.26 9.24
CA GLY B 179 17.60 -12.05 8.89
C GLY B 179 18.14 -11.70 7.52
N PRO B 180 19.32 -12.24 7.22
CA PRO B 180 20.02 -11.87 5.99
C PRO B 180 19.54 -12.64 4.77
N VAL B 181 19.61 -11.96 3.63
CA VAL B 181 19.59 -12.58 2.31
C VAL B 181 20.86 -12.10 1.62
N VAL B 182 21.85 -12.98 1.53
CA VAL B 182 23.18 -12.63 1.03
C VAL B 182 23.38 -13.27 -0.34
N CYS B 183 23.73 -12.45 -1.33
CA CYS B 183 23.91 -12.88 -2.71
C CYS B 183 25.28 -12.43 -3.18
N SER B 184 26.14 -13.39 -3.54
CA SER B 184 27.50 -13.11 -4.00
C SER B 184 28.28 -12.32 -2.97
N GLY B 185 28.12 -12.68 -1.70
CA GLY B 185 28.86 -12.05 -0.62
C GLY B 185 28.36 -10.68 -0.21
N LYS B 186 27.19 -10.26 -0.66
CA LYS B 186 26.63 -8.95 -0.33
C LYS B 186 25.26 -9.13 0.31
N LEU B 187 24.97 -8.32 1.33
CA LEU B 187 23.67 -8.34 1.99
C LEU B 187 22.67 -7.62 1.11
N GLN B 188 21.85 -8.39 0.38
CA GLN B 188 20.90 -7.81 -0.55
C GLN B 188 19.47 -7.76 -0.03
N GLY B 189 19.13 -8.57 0.97
CA GLY B 189 17.75 -8.67 1.41
C GLY B 189 17.64 -8.83 2.92
N ILE B 190 16.47 -8.43 3.42
CA ILE B 190 16.10 -8.61 4.82
C ILE B 190 14.79 -9.37 4.85
N VAL B 191 14.75 -10.45 5.63
CA VAL B 191 13.52 -11.24 5.76
C VAL B 191 12.40 -10.34 6.27
N SER B 192 11.39 -10.14 5.42
CA SER B 192 10.33 -9.18 5.75
C SER B 192 9.00 -9.88 6.03
N TRP B 193 8.30 -10.32 4.98
CA TRP B 193 6.95 -10.84 5.15
C TRP B 193 6.65 -11.88 4.09
N GLY B 194 5.45 -12.46 4.20
CA GLY B 194 4.96 -13.41 3.23
C GLY B 194 3.54 -13.80 3.60
N SER B 195 2.94 -14.62 2.76
CA SER B 195 1.61 -15.17 3.00
C SER B 195 1.79 -16.65 3.35
N GLY B 196 1.81 -16.94 4.65
CA GLY B 196 2.15 -18.28 5.07
C GLY B 196 3.64 -18.55 4.90
N CYS B 197 3.99 -19.83 4.85
CA CYS B 197 5.36 -20.26 4.66
C CYS B 197 5.40 -21.43 3.69
N ALA B 198 6.33 -21.36 2.74
CA ALA B 198 6.57 -22.40 1.73
C ALA B 198 5.31 -22.78 0.96
N GLN B 199 4.35 -21.86 0.84
CA GLN B 199 3.11 -22.15 0.13
C GLN B 199 3.27 -21.92 -1.37
N LYS B 200 2.48 -22.66 -2.14
CA LYS B 200 2.50 -22.52 -3.60
C LYS B 200 2.11 -21.09 -3.99
N ASN B 201 2.92 -20.51 -4.87
CA ASN B 201 2.71 -19.16 -5.41
C ASN B 201 2.76 -18.08 -4.32
N LYS B 202 3.34 -18.38 -3.17
CA LYS B 202 3.47 -17.42 -2.07
C LYS B 202 4.91 -17.41 -1.56
N PRO B 203 5.84 -16.90 -2.37
CA PRO B 203 7.24 -16.86 -1.94
C PRO B 203 7.47 -15.74 -0.93
N GLY B 204 8.63 -15.81 -0.28
CA GLY B 204 8.97 -14.80 0.71
C GLY B 204 9.29 -13.46 0.06
N VAL B 205 8.89 -12.39 0.74
CA VAL B 205 9.19 -11.02 0.30
C VAL B 205 10.29 -10.47 1.22
N TYR B 206 11.23 -9.74 0.63
CA TYR B 206 12.41 -9.28 1.35
C TYR B 206 12.68 -7.81 1.04
N THR B 207 13.21 -7.11 2.04
CA THR B 207 13.55 -5.71 1.87
C THR B 207 14.77 -5.58 0.96
N LYS B 208 14.65 -4.74 -0.06
CA LYS B 208 15.71 -4.55 -1.06
C LYS B 208 16.76 -3.62 -0.47
N VAL B 209 17.81 -4.23 0.12
CA VAL B 209 18.81 -3.48 0.87
C VAL B 209 19.57 -2.48 -0.01
N CYS B 210 19.79 -2.83 -1.28
CA CYS B 210 20.59 -1.97 -2.16
C CYS B 210 20.02 -0.57 -2.30
N ASN B 211 18.73 -0.38 -2.02
CA ASN B 211 18.12 0.95 -2.07
C ASN B 211 18.33 1.76 -0.79
N TYR B 212 19.17 1.28 0.13
CA TYR B 212 19.35 1.92 1.43
C TYR B 212 20.80 2.11 1.83
N VAL B 213 21.75 1.86 0.92
CA VAL B 213 23.16 1.98 1.26
C VAL B 213 23.49 3.41 1.68
N SER B 214 22.89 4.39 1.01
CA SER B 214 23.16 5.79 1.35
C SER B 214 22.66 6.12 2.75
N TRP B 215 21.43 5.73 3.06
CA TRP B 215 20.88 6.00 4.39
C TRP B 215 21.65 5.26 5.47
N ILE B 216 22.03 4.01 5.21
CA ILE B 216 22.76 3.21 6.20
C ILE B 216 24.11 3.87 6.51
N LYS B 217 24.83 4.28 5.46
CA LYS B 217 26.16 4.84 5.66
C LYS B 217 26.10 6.15 6.44
N GLN B 218 25.20 7.06 6.05
CA GLN B 218 25.15 8.35 6.71
C GLN B 218 24.62 8.24 8.14
N THR B 219 23.72 7.29 8.39
CA THR B 219 23.16 7.15 9.74
C THR B 219 24.21 6.67 10.73
N ILE B 220 24.98 5.63 10.36
CA ILE B 220 25.99 5.11 11.27
C ILE B 220 27.16 6.08 11.38
N ALA B 221 27.39 6.90 10.36
CA ALA B 221 28.46 7.89 10.42
C ALA B 221 28.13 9.02 11.39
N SER B 222 26.85 9.20 11.73
CA SER B 222 26.42 10.29 12.59
C SER B 222 25.75 9.78 13.86
N ASN B 223 26.03 8.55 14.24
CA ASN B 223 25.43 7.95 15.43
C ASN B 223 26.41 7.05 16.19
N PRO C 1 -15.54 -13.28 11.12
CA PRO C 1 -14.71 -12.26 10.47
C PRO C 1 -13.63 -12.87 9.60
N CYS C 2 -14.03 -13.62 8.56
CA CYS C 2 -13.09 -14.41 7.78
C CYS C 2 -12.05 -13.53 7.08
N CYS C 3 -11.08 -14.19 6.45
CA CYS C 3 -10.05 -13.50 5.69
C CYS C 3 -9.37 -14.48 4.75
N ASP C 4 -9.30 -14.18 3.43
CA ASP C 4 -8.81 -15.13 2.40
C ASP C 4 -7.37 -14.88 1.96
N HIS C 5 -6.92 -13.62 2.01
CA HIS C 5 -5.56 -13.23 1.66
C HIS C 5 -4.95 -12.55 2.88
N CYS C 6 -4.18 -13.29 3.67
CA CYS C 6 -3.57 -12.79 4.90
C CYS C 6 -2.06 -12.75 4.71
N SER C 7 -1.47 -11.58 4.94
CA SER C 7 -0.03 -11.39 4.86
C SER C 7 0.51 -11.10 6.25
N CYS C 8 1.55 -11.83 6.64
CA CYS C 8 2.15 -11.68 7.96
C CYS C 8 3.64 -11.41 7.81
N THR C 9 4.18 -10.62 8.74
CA THR C 9 5.61 -10.57 8.94
C THR C 9 6.08 -11.86 9.60
N LYS C 10 7.38 -12.15 9.45
CA LYS C 10 7.97 -13.39 9.97
C LYS C 10 8.60 -13.20 11.34
N SER C 11 8.04 -12.33 12.17
CA SER C 11 8.59 -12.01 13.48
C SER C 11 7.83 -12.77 14.57
N ILE C 12 8.27 -12.57 15.82
CA ILE C 12 7.60 -13.18 16.97
C ILE C 12 7.21 -12.10 17.97
N PRO C 13 5.92 -11.74 18.07
CA PRO C 13 4.80 -12.28 17.29
C PRO C 13 4.80 -11.78 15.85
N PRO C 14 4.08 -12.47 14.96
CA PRO C 14 3.90 -11.95 13.61
C PRO C 14 2.95 -10.78 13.59
N GLN C 15 3.12 -9.93 12.58
CA GLN C 15 2.24 -8.79 12.34
C GLN C 15 1.48 -9.07 11.04
N CYS C 16 0.21 -9.41 11.17
CA CYS C 16 -0.61 -9.87 10.06
C CYS C 16 -1.63 -8.80 9.67
N ARG C 17 -2.00 -8.82 8.39
CA ARG C 17 -2.92 -7.84 7.83
C ARG C 17 -3.80 -8.55 6.81
N CYS C 18 -5.09 -8.23 6.83
CA CYS C 18 -6.02 -8.79 5.86
C CYS C 18 -6.20 -7.84 4.69
N THR C 19 -6.00 -8.35 3.48
CA THR C 19 -6.07 -7.54 2.27
C THR C 19 -7.35 -7.81 1.48
N ASP C 20 -8.34 -8.42 2.11
CA ASP C 20 -9.60 -8.70 1.43
C ASP C 20 -10.31 -7.40 1.06
N LEU C 21 -11.01 -7.42 -0.06
CA LEU C 21 -11.84 -6.32 -0.52
C LEU C 21 -13.29 -6.80 -0.52
N ARG C 22 -14.13 -6.19 0.30
CA ARG C 22 -15.52 -6.58 0.42
C ARG C 22 -16.41 -5.36 0.22
N LEU C 23 -17.68 -5.62 -0.09
CA LEU C 23 -18.66 -4.54 -0.26
C LEU C 23 -19.18 -4.01 1.06
N ASP C 24 -18.84 -4.64 2.18
CA ASP C 24 -19.08 -4.09 3.51
C ASP C 24 -17.78 -3.95 4.29
N SER C 25 -17.01 -5.05 4.45
CA SER C 25 -15.76 -5.16 5.27
C SER C 25 -15.60 -4.25 6.49
N CYS C 26 -16.62 -3.48 6.84
CA CYS C 26 -16.54 -2.59 7.99
C CYS C 26 -17.29 -3.23 9.16
N HIS C 27 -16.79 -4.37 9.62
CA HIS C 27 -17.33 -4.97 10.83
C HIS C 27 -16.98 -4.11 12.03
N SER C 28 -17.63 -4.42 13.17
CA SER C 28 -17.09 -3.97 14.44
C SER C 28 -15.81 -4.73 14.79
N ALA C 29 -15.54 -5.83 14.09
CA ALA C 29 -14.28 -6.57 14.19
C ALA C 29 -13.20 -5.96 13.30
N CYS C 30 -13.38 -4.73 12.84
CA CYS C 30 -12.36 -4.00 12.11
C CYS C 30 -12.28 -2.59 12.68
N LYS C 31 -11.09 -2.22 13.16
CA LYS C 31 -10.92 -0.92 13.80
C LYS C 31 -10.77 0.20 12.76
N SER C 32 -10.08 -0.09 11.65
CA SER C 32 -9.83 0.91 10.61
C SER C 32 -10.34 0.36 9.27
N CYS C 33 -11.49 0.87 8.83
CA CYS C 33 -12.11 0.46 7.58
C CYS C 33 -11.94 1.56 6.55
N ILE C 34 -11.53 1.19 5.34
CA ILE C 34 -11.30 2.12 4.24
C ILE C 34 -12.17 1.68 3.07
N CYS C 35 -13.04 2.56 2.61
CA CYS C 35 -13.97 2.27 1.52
C CYS C 35 -13.82 3.29 0.40
N THR C 36 -13.95 2.82 -0.83
CA THR C 36 -14.22 3.72 -1.94
C THR C 36 -15.65 4.26 -1.80
N LEU C 37 -15.92 5.33 -2.54
CA LEU C 37 -17.21 6.01 -2.46
C LEU C 37 -18.13 5.64 -3.62
N SER C 38 -18.04 4.40 -4.10
CA SER C 38 -18.81 3.93 -5.24
C SER C 38 -20.04 3.16 -4.77
N ILE C 39 -20.85 2.71 -5.72
CA ILE C 39 -22.04 1.92 -5.43
C ILE C 39 -21.99 0.62 -6.24
N PRO C 40 -21.66 -0.52 -5.64
CA PRO C 40 -21.35 -0.67 -4.20
C PRO C 40 -19.94 -0.20 -3.85
N ALA C 41 -19.71 0.06 -2.56
CA ALA C 41 -18.40 0.49 -2.11
C ALA C 41 -17.46 -0.71 -1.98
N GLN C 42 -16.18 -0.47 -2.24
CA GLN C 42 -15.13 -1.48 -2.10
C GLN C 42 -14.33 -1.13 -0.85
N CYS C 43 -14.48 -1.94 0.19
CA CYS C 43 -13.92 -1.64 1.50
C CYS C 43 -12.81 -2.61 1.84
N VAL C 44 -11.78 -2.11 2.52
CA VAL C 44 -10.64 -2.90 2.96
C VAL C 44 -10.37 -2.59 4.43
N CYS C 45 -9.91 -3.58 5.16
CA CYS C 45 -9.56 -3.44 6.56
C CYS C 45 -8.05 -3.46 6.71
N ASP C 46 -7.48 -2.37 7.19
CA ASP C 46 -6.03 -2.26 7.37
C ASP C 46 -5.61 -2.50 8.81
N ASP C 47 -6.42 -3.23 9.59
CA ASP C 47 -6.02 -3.60 10.94
C ASP C 47 -4.83 -4.55 10.90
N ILE C 48 -4.00 -4.47 11.95
CA ILE C 48 -2.83 -5.32 12.09
C ILE C 48 -3.00 -6.17 13.33
N ASP C 49 -3.10 -7.49 13.15
CA ASP C 49 -3.22 -8.45 14.23
C ASP C 49 -2.02 -9.39 14.21
N ASP C 50 -1.94 -10.23 15.25
CA ASP C 50 -0.91 -11.25 15.33
C ASP C 50 -1.41 -12.62 14.87
N PHE C 51 -2.49 -12.65 14.12
CA PHE C 51 -3.09 -13.90 13.67
C PHE C 51 -3.82 -13.66 12.36
N CYS C 52 -4.27 -14.75 11.75
CA CYS C 52 -5.09 -14.71 10.54
C CYS C 52 -6.41 -15.40 10.81
N TYR C 53 -7.50 -14.78 10.36
CA TYR C 53 -8.80 -15.40 10.48
C TYR C 53 -8.93 -16.58 9.52
N GLU C 54 -9.94 -17.42 9.78
CA GLU C 54 -10.25 -18.52 8.88
C GLU C 54 -10.67 -17.97 7.52
N PRO C 55 -10.54 -18.78 6.46
CA PRO C 55 -11.01 -18.32 5.14
C PRO C 55 -12.52 -18.20 5.06
N CYS C 56 -13.03 -17.79 3.90
CA CYS C 56 -14.46 -17.56 3.72
C CYS C 56 -15.10 -18.66 2.89
#